data_5E03
#
_entry.id   5E03
#
_cell.length_a   42.147
_cell.length_b   42.147
_cell.length_c   208.517
_cell.angle_alpha   90.00
_cell.angle_beta   90.00
_cell.angle_gamma   120.00
#
_symmetry.space_group_name_H-M   'P 61 2 2'
#
loop_
_entity.id
_entity.type
_entity.pdbx_description
1 polymer 'CTLA-4 nanobody'
2 non-polymer 'SULFATE ION'
3 water water
#
_entity_poly.entity_id   1
_entity_poly.type   'polypeptide(L)'
_entity_poly.pdbx_seq_one_letter_code
;MAQVQLVESGGGLAQPGGSLRLSCAASGSTISSVAVGWYRQTPGNQREWVATSSTSSTTATYADSVKGRFTISRDNAKNT
IYLQMNSLKPEDTAVYYCKTGLTNWGRGTQVTVSSGGLPETGGHHHHHH
;
_entity_poly.pdbx_strand_id   A
#
# COMPACT_ATOMS: atom_id res chain seq x y z
N VAL A 4 -0.80 -1.26 -18.51
CA VAL A 4 -0.73 -1.71 -17.12
C VAL A 4 -1.44 -0.77 -16.15
N GLN A 5 -2.48 -1.25 -15.50
CA GLN A 5 -3.20 -0.43 -14.54
C GLN A 5 -3.31 -1.14 -13.19
N LEU A 6 -3.42 -0.37 -12.11
CA LEU A 6 -3.43 -0.91 -10.77
C LEU A 6 -4.66 -0.46 -10.01
N VAL A 7 -5.33 -1.40 -9.35
CA VAL A 7 -6.53 -1.10 -8.58
C VAL A 7 -6.34 -1.46 -7.09
N GLU A 8 -6.56 -0.48 -6.22
CA GLU A 8 -6.46 -0.66 -4.77
C GLU A 8 -7.77 -1.14 -4.17
N SER A 9 -7.65 -2.02 -3.17
CA SER A 9 -8.81 -2.43 -2.37
C SER A 9 -8.32 -2.90 -1.01
N GLY A 10 -9.26 -3.29 -0.14
CA GLY A 10 -8.91 -3.91 1.13
C GLY A 10 -8.83 -2.95 2.30
N GLY A 11 -8.99 -1.66 2.03
CA GLY A 11 -8.98 -0.69 3.11
C GLY A 11 -10.27 -0.77 3.88
N GLY A 12 -10.25 -0.29 5.12
CA GLY A 12 -11.45 -0.29 5.92
C GLY A 12 -11.18 0.22 7.30
N LEU A 13 -12.09 -0.10 8.20
CA LEU A 13 -12.06 0.38 9.57
C LEU A 13 -11.25 -0.56 10.45
N ALA A 14 -10.39 0.01 11.27
CA ALA A 14 -9.61 -0.75 12.25
C ALA A 14 -9.48 0.03 13.54
N GLN A 15 -9.23 -0.70 14.64
CA GLN A 15 -8.95 -0.08 15.92
C GLN A 15 -7.44 0.06 16.07
N PRO A 16 -6.98 0.95 16.96
CA PRO A 16 -5.54 1.04 17.17
C PRO A 16 -4.98 -0.31 17.61
N GLY A 17 -3.83 -0.69 17.09
CA GLY A 17 -3.26 -2.00 17.38
C GLY A 17 -3.75 -3.04 16.39
N GLY A 18 -4.73 -2.67 15.58
CA GLY A 18 -5.34 -3.59 14.63
C GLY A 18 -4.49 -3.91 13.42
N SER A 19 -4.99 -4.81 12.57
CA SER A 19 -4.30 -5.21 11.35
C SER A 19 -5.23 -5.10 10.13
N LEU A 20 -4.64 -4.80 8.98
CA LEU A 20 -5.37 -4.73 7.71
C LEU A 20 -4.41 -5.12 6.62
N ARG A 21 -4.90 -5.84 5.61
CA ARG A 21 -4.08 -6.06 4.41
C ARG A 21 -4.69 -5.39 3.19
N LEU A 22 -3.95 -4.46 2.60
CA LEU A 22 -4.40 -3.80 1.37
C LEU A 22 -3.97 -4.59 0.14
N SER A 23 -4.77 -4.52 -0.93
CA SER A 23 -4.43 -5.23 -2.17
C SER A 23 -4.26 -4.24 -3.30
N CYS A 24 -3.32 -4.53 -4.18
CA CYS A 24 -3.07 -3.70 -5.36
C CYS A 24 -3.10 -4.66 -6.54
N ALA A 25 -4.21 -4.72 -7.25
CA ALA A 25 -4.38 -5.72 -8.31
C ALA A 25 -4.03 -5.14 -9.67
N ALA A 26 -3.13 -5.81 -10.39
CA ALA A 26 -2.70 -5.32 -11.69
C ALA A 26 -3.51 -5.91 -12.83
N SER A 27 -3.68 -5.18 -13.88
CA SER A 27 -4.29 -5.67 -15.10
C SER A 27 -3.46 -5.19 -16.28
N GLY A 28 -3.69 -5.73 -17.42
CA GLY A 28 -3.02 -5.28 -18.63
C GLY A 28 -1.58 -5.75 -18.77
N SER A 29 -0.91 -5.95 -17.65
CA SER A 29 0.43 -6.53 -17.67
C SER A 29 0.71 -7.30 -16.38
N THR A 30 1.89 -7.89 -16.30
CA THR A 30 2.33 -8.57 -15.09
C THR A 30 3.28 -7.66 -14.31
N ILE A 31 3.17 -7.68 -12.98
CA ILE A 31 4.03 -6.82 -12.15
C ILE A 31 5.11 -7.59 -11.40
N SER A 32 5.40 -8.79 -11.88
CA SER A 32 6.37 -9.66 -11.22
C SER A 32 7.78 -9.07 -11.16
N SER A 33 8.13 -8.26 -12.14
CA SER A 33 9.51 -7.78 -12.29
C SER A 33 9.66 -6.29 -12.02
N VAL A 34 8.56 -5.61 -11.71
CA VAL A 34 8.61 -4.17 -11.57
C VAL A 34 8.43 -3.74 -10.12
N ALA A 35 9.10 -2.65 -9.75
CA ALA A 35 8.95 -2.07 -8.42
C ALA A 35 7.61 -1.34 -8.33
N VAL A 36 6.83 -1.67 -7.31
CA VAL A 36 5.54 -1.02 -7.12
C VAL A 36 5.58 -0.31 -5.78
N GLY A 37 5.16 0.96 -5.78
CA GLY A 37 5.15 1.75 -4.57
C GLY A 37 3.78 1.84 -3.93
N TRP A 38 3.76 1.89 -2.60
CA TRP A 38 2.56 2.29 -1.85
C TRP A 38 2.79 3.69 -1.29
N TYR A 39 1.74 4.49 -1.33
CA TYR A 39 1.77 5.88 -0.91
C TYR A 39 0.48 6.13 -0.14
N ARG A 40 0.42 7.23 0.62
CA ARG A 40 -0.81 7.54 1.32
C ARG A 40 -1.01 9.03 1.46
N GLN A 41 -2.26 9.44 1.68
CA GLN A 41 -2.56 10.86 1.86
C GLN A 41 -3.83 11.08 2.69
N THR A 42 -3.82 12.11 3.53
CA THR A 42 -5.04 12.56 4.18
C THR A 42 -5.45 13.88 3.52
N PRO A 43 -6.76 14.15 3.44
CA PRO A 43 -7.21 15.38 2.79
C PRO A 43 -6.57 16.63 3.42
N GLY A 44 -6.09 17.54 2.57
CA GLY A 44 -5.48 18.76 3.06
C GLY A 44 -4.06 18.57 3.56
N ASN A 45 -3.50 17.38 3.40
CA ASN A 45 -2.10 17.15 3.76
C ASN A 45 -1.32 16.55 2.61
N GLN A 46 -0.01 16.51 2.76
CA GLN A 46 0.86 16.08 1.67
C GLN A 46 0.80 14.57 1.47
N ARG A 47 0.77 14.16 0.21
CA ARG A 47 0.91 12.76 -0.11
C ARG A 47 2.31 12.30 0.37
N GLU A 48 2.41 11.07 0.87
CA GLU A 48 3.66 10.52 1.37
C GLU A 48 3.94 9.16 0.76
N TRP A 49 5.22 8.83 0.66
CA TRP A 49 5.65 7.49 0.31
C TRP A 49 5.57 6.58 1.55
N VAL A 50 5.11 5.34 1.34
CA VAL A 50 4.95 4.38 2.42
C VAL A 50 5.94 3.22 2.29
N ALA A 51 5.99 2.62 1.10
CA ALA A 51 6.89 1.48 0.90
C ALA A 51 7.05 1.17 -0.59
N THR A 52 8.15 0.49 -0.94
CA THR A 52 8.38 0.09 -2.31
C THR A 52 8.73 -1.39 -2.34
N SER A 53 8.12 -2.14 -3.27
CA SER A 53 8.32 -3.59 -3.32
C SER A 53 9.72 -3.94 -3.78
N SER A 54 10.10 -5.19 -3.52
CA SER A 54 11.37 -5.71 -4.00
C SER A 54 11.35 -5.86 -5.52
N THR A 55 12.53 -5.97 -6.12
CA THR A 55 12.65 -6.45 -7.48
C THR A 55 13.63 -7.61 -7.46
N SER A 56 14.23 -7.91 -8.60
CA SER A 56 15.24 -8.97 -8.67
C SER A 56 16.57 -8.47 -8.13
N SER A 57 16.83 -7.18 -8.30
CA SER A 57 18.11 -6.60 -7.85
C SER A 57 17.97 -5.71 -6.62
N THR A 58 16.75 -5.56 -6.11
CA THR A 58 16.50 -4.67 -4.96
C THR A 58 15.58 -5.28 -3.91
N THR A 59 15.88 -5.00 -2.66
CA THR A 59 15.04 -5.41 -1.53
C THR A 59 13.96 -4.34 -1.29
N ALA A 60 12.89 -4.73 -0.61
CA ALA A 60 11.81 -3.80 -0.32
C ALA A 60 12.30 -2.73 0.65
N THR A 61 11.74 -1.52 0.53
CA THR A 61 12.09 -0.44 1.44
C THR A 61 10.83 0.19 2.01
N TYR A 62 10.97 0.78 3.20
CA TYR A 62 9.84 1.29 3.97
C TYR A 62 10.10 2.67 4.55
N ALA A 63 9.05 3.47 4.58
CA ALA A 63 9.13 4.81 5.14
C ALA A 63 9.37 4.70 6.64
N ASP A 64 9.97 5.74 7.22
CA ASP A 64 10.39 5.68 8.63
C ASP A 64 9.23 5.38 9.57
N SER A 65 8.07 5.95 9.30
CA SER A 65 6.96 5.85 10.25
C SER A 65 6.28 4.49 10.24
N VAL A 66 6.60 3.66 9.27
CA VAL A 66 5.94 2.35 9.15
C VAL A 66 6.90 1.15 9.26
N LYS A 67 8.20 1.41 9.38
CA LYS A 67 9.19 0.35 9.50
C LYS A 67 8.85 -0.57 10.66
N GLY A 68 8.89 -1.87 10.41
CA GLY A 68 8.60 -2.85 11.44
C GLY A 68 7.13 -3.09 11.73
N ARG A 69 6.26 -2.31 11.08
CA ARG A 69 4.82 -2.45 11.27
C ARG A 69 4.13 -2.92 10.00
N PHE A 70 4.65 -2.49 8.85
CA PHE A 70 4.05 -2.85 7.56
C PHE A 70 5.00 -3.75 6.78
N THR A 71 4.45 -4.54 5.86
CA THR A 71 5.25 -5.42 5.01
C THR A 71 4.61 -5.48 3.63
N ILE A 72 5.39 -5.24 2.58
CA ILE A 72 4.90 -5.43 1.23
C ILE A 72 5.16 -6.87 0.82
N SER A 73 4.20 -7.48 0.13
CA SER A 73 4.47 -8.79 -0.46
C SER A 73 3.74 -8.90 -1.79
N ARG A 74 4.10 -9.90 -2.58
CA ARG A 74 3.48 -10.12 -3.86
C ARG A 74 2.81 -11.46 -3.89
N ASP A 75 1.76 -11.58 -4.69
CA ASP A 75 1.31 -12.88 -5.18
C ASP A 75 1.31 -12.81 -6.70
N ASN A 76 2.35 -13.35 -7.33
CA ASN A 76 2.47 -13.35 -8.79
C ASN A 76 1.34 -14.08 -9.51
N ALA A 77 0.89 -15.19 -8.92
CA ALA A 77 -0.20 -15.97 -9.49
C ALA A 77 -1.46 -15.13 -9.61
N LYS A 78 -1.67 -14.24 -8.65
CA LYS A 78 -2.82 -13.35 -8.66
C LYS A 78 -2.51 -11.99 -9.26
N ASN A 79 -1.25 -11.79 -9.67
CA ASN A 79 -0.80 -10.53 -10.24
C ASN A 79 -1.16 -9.38 -9.31
N THR A 80 -0.82 -9.52 -8.04
CA THR A 80 -1.28 -8.60 -7.00
C THR A 80 -0.14 -8.29 -6.02
N ILE A 81 -0.08 -7.05 -5.56
CA ILE A 81 0.87 -6.61 -4.53
C ILE A 81 0.05 -6.33 -3.27
N TYR A 82 0.54 -6.75 -2.11
CA TYR A 82 -0.14 -6.43 -0.86
C TYR A 82 0.63 -5.45 0.00
N LEU A 83 -0.08 -4.71 0.85
CA LEU A 83 0.54 -4.02 1.96
C LEU A 83 -0.06 -4.53 3.25
N GLN A 84 0.69 -5.36 3.98
CA GLN A 84 0.22 -5.84 5.27
C GLN A 84 0.50 -4.76 6.30
N MET A 85 -0.55 -4.37 7.04
CA MET A 85 -0.43 -3.38 8.10
C MET A 85 -0.72 -4.01 9.46
N ASN A 86 0.14 -3.72 10.44
CA ASN A 86 -0.05 -4.15 11.81
C ASN A 86 0.22 -3.00 12.76
N SER A 87 -0.15 -3.18 14.03
CA SER A 87 0.06 -2.16 15.03
C SER A 87 -0.44 -0.80 14.56
N LEU A 88 -1.65 -0.78 14.01
CA LEU A 88 -2.21 0.43 13.43
C LEU A 88 -2.34 1.57 14.44
N LYS A 89 -2.13 2.79 13.97
CA LYS A 89 -2.17 3.98 14.80
C LYS A 89 -3.17 4.95 14.17
N PRO A 90 -3.80 5.82 14.96
CA PRO A 90 -4.76 6.78 14.39
C PRO A 90 -4.16 7.56 13.22
N GLU A 91 -2.84 7.80 13.28
CA GLU A 91 -2.16 8.54 12.22
C GLU A 91 -1.94 7.75 10.93
N ASP A 92 -2.29 6.46 10.94
CA ASP A 92 -2.24 5.66 9.72
C ASP A 92 -3.52 5.86 8.91
N THR A 93 -4.47 6.60 9.49
CA THR A 93 -5.70 6.95 8.77
C THR A 93 -5.35 7.76 7.54
N ALA A 94 -5.75 7.28 6.37
CA ALA A 94 -5.37 7.90 5.10
C ALA A 94 -5.98 7.15 3.94
N VAL A 95 -5.91 7.75 2.75
CA VAL A 95 -6.24 7.02 1.54
C VAL A 95 -4.91 6.47 1.03
N TYR A 96 -4.87 5.18 0.73
CA TYR A 96 -3.64 4.52 0.30
C TYR A 96 -3.69 4.25 -1.21
N TYR A 97 -2.58 4.55 -1.89
CA TYR A 97 -2.48 4.37 -3.33
C TYR A 97 -1.29 3.49 -3.66
N CYS A 98 -1.45 2.61 -4.64
CA CYS A 98 -0.29 1.94 -5.24
C CYS A 98 -0.04 2.52 -6.63
N LYS A 99 1.21 2.52 -7.08
CA LYS A 99 1.55 3.21 -8.32
C LYS A 99 2.91 2.73 -8.78
N THR A 100 3.12 2.77 -10.09
CA THR A 100 4.48 2.79 -10.63
C THR A 100 4.63 4.08 -11.42
N GLY A 101 5.84 4.38 -11.86
CA GLY A 101 6.07 5.53 -12.70
C GLY A 101 5.24 5.56 -13.98
N LEU A 102 4.69 4.40 -14.37
CA LEU A 102 3.90 4.33 -15.60
C LEU A 102 2.38 4.24 -15.38
N THR A 103 1.94 4.34 -14.14
CA THR A 103 0.50 4.22 -13.88
C THR A 103 -0.06 5.52 -13.32
N ASN A 104 -1.38 5.59 -13.27
CA ASN A 104 -2.06 6.65 -12.53
C ASN A 104 -1.94 6.37 -11.05
N TRP A 105 -2.28 7.37 -10.24
CA TRP A 105 -2.33 7.18 -8.80
C TRP A 105 -3.39 6.15 -8.43
N GLY A 106 -4.51 6.20 -9.14
CA GLY A 106 -5.61 5.28 -8.88
C GLY A 106 -6.64 5.88 -7.94
N ARG A 107 -7.75 5.17 -7.75
CA ARG A 107 -8.80 5.64 -6.86
C ARG A 107 -8.36 5.53 -5.40
N GLY A 108 -7.42 4.63 -5.13
CA GLY A 108 -6.95 4.44 -3.78
C GLY A 108 -7.93 3.67 -2.91
N THR A 109 -7.46 3.29 -1.73
CA THR A 109 -8.33 2.62 -0.77
C THR A 109 -8.23 3.28 0.59
N GLN A 110 -9.38 3.58 1.19
CA GLN A 110 -9.43 4.34 2.44
C GLN A 110 -9.23 3.44 3.66
N VAL A 111 -8.34 3.88 4.55
CA VAL A 111 -8.11 3.22 5.82
C VAL A 111 -8.50 4.18 6.94
N THR A 112 -9.28 3.68 7.89
CA THR A 112 -9.75 4.51 8.98
C THR A 112 -9.39 3.81 10.28
N VAL A 113 -8.46 4.39 11.05
CA VAL A 113 -8.10 3.82 12.35
C VAL A 113 -8.76 4.69 13.40
N SER A 114 -9.67 4.10 14.16
CA SER A 114 -10.60 4.87 14.97
C SER A 114 -10.93 4.21 16.29
N SER A 115 -11.27 5.03 17.28
CA SER A 115 -11.73 4.55 18.57
C SER A 115 -13.24 4.34 18.60
N GLY A 116 -13.93 4.85 17.58
CA GLY A 116 -15.39 4.74 17.52
C GLY A 116 -16.10 5.85 18.28
#